data_2YOI
#
_entry.id   2YOI
#
_cell.length_a   58.366
_cell.length_b   47.772
_cell.length_c   73.836
_cell.angle_alpha   90.00
_cell.angle_beta   98.49
_cell.angle_gamma   90.00
#
_symmetry.space_group_name_H-M   'C 1 2 1'
#
loop_
_entity.id
_entity.type
_entity.pdbx_description
1 polymer 'LECA THIOREDOXIN'
2 non-polymer 'CHLORIDE ION'
3 non-polymer 'SODIUM ION'
4 non-polymer 'MAGNESIUM ION'
5 non-polymer 'ACETATE ION'
6 water water
#
_entity_poly.entity_id   1
_entity_poly.type   'polypeptide(L)'
_entity_poly.pdbx_seq_one_letter_code
;MVIQVTNKEEFEAILSEADKLVVVDFFATWCGPCKMIAPFFEELSEEYPDKVVFIKVDVDEVPDVAAKYGITSMPTFKFF
KNGKKVDELVGANQEKLKQMILKHAP
;
_entity_poly.pdbx_strand_id   A,B
#
# COMPACT_ATOMS: atom_id res chain seq x y z
N MET A 1 -5.89 11.17 -21.13
CA MET A 1 -4.88 10.10 -21.06
CA MET A 1 -4.78 10.19 -21.08
C MET A 1 -4.16 10.11 -19.72
N VAL A 2 -4.01 8.94 -19.17
CA VAL A 2 -3.22 8.74 -17.95
C VAL A 2 -1.88 8.23 -18.41
N ILE A 3 -0.79 8.84 -17.98
CA ILE A 3 0.55 8.44 -18.39
CA ILE A 3 0.55 8.44 -18.39
C ILE A 3 1.14 7.45 -17.41
N GLN A 4 1.53 6.30 -17.91
CA GLN A 4 2.21 5.28 -17.13
C GLN A 4 3.67 5.74 -16.95
N VAL A 5 4.15 5.82 -15.71
CA VAL A 5 5.54 6.19 -15.42
C VAL A 5 6.17 5.02 -14.72
N THR A 6 7.28 4.57 -15.28
CA THR A 6 7.89 3.33 -14.87
C THR A 6 9.29 3.49 -14.25
N ASN A 7 9.72 4.72 -14.00
CA ASN A 7 11.04 4.95 -13.32
C ASN A 7 11.12 6.32 -12.65
N LYS A 8 11.96 6.43 -11.60
CA LYS A 8 12.06 7.65 -10.79
CA LYS A 8 12.05 7.65 -10.80
C LYS A 8 12.60 8.84 -11.58
N GLU A 9 13.52 8.61 -12.50
CA GLU A 9 14.10 9.73 -13.24
CA GLU A 9 14.10 9.72 -13.24
C GLU A 9 13.02 10.45 -14.06
N GLU A 10 12.19 9.68 -14.74
CA GLU A 10 11.12 10.27 -15.51
C GLU A 10 10.04 10.87 -14.62
N PHE A 11 9.74 10.20 -13.50
CA PHE A 11 8.81 10.76 -12.53
C PHE A 11 9.24 12.17 -12.09
N GLU A 12 10.49 12.32 -11.69
CA GLU A 12 11.00 13.59 -11.15
CA GLU A 12 10.93 13.59 -11.14
C GLU A 12 11.10 14.67 -12.21
N ALA A 13 11.44 14.27 -13.43
CA ALA A 13 11.47 15.17 -14.56
C ALA A 13 10.06 15.74 -14.79
N ILE A 14 9.04 14.89 -14.79
CA ILE A 14 7.67 15.37 -15.00
C ILE A 14 7.30 16.39 -13.91
N LEU A 15 7.55 16.05 -12.65
CA LEU A 15 7.16 16.96 -11.56
C LEU A 15 7.87 18.32 -11.60
N SER A 16 9.15 18.32 -11.94
CA SER A 16 9.91 19.57 -11.92
C SER A 16 9.71 20.41 -13.17
N GLU A 17 9.19 19.80 -14.23
CA GLU A 17 9.02 20.52 -15.50
C GLU A 17 7.59 20.96 -15.79
N ALA A 18 6.61 20.35 -15.12
CA ALA A 18 5.21 20.63 -15.43
C ALA A 18 4.79 22.01 -14.99
N ASP A 19 4.12 22.74 -15.88
CA ASP A 19 3.41 23.95 -15.50
C ASP A 19 2.01 23.66 -14.94
N LYS A 20 1.37 22.61 -15.44
CA LYS A 20 0.04 22.23 -15.01
C LYS A 20 0.12 21.50 -13.68
N LEU A 21 -1.02 21.47 -12.98
CA LEU A 21 -1.21 20.54 -11.88
C LEU A 21 -0.85 19.13 -12.33
N VAL A 22 -0.10 18.39 -11.51
CA VAL A 22 0.16 16.97 -11.74
C VAL A 22 -0.55 16.16 -10.68
N VAL A 23 -1.36 15.19 -11.08
CA VAL A 23 -2.03 14.27 -10.17
C VAL A 23 -1.49 12.87 -10.43
N VAL A 24 -0.96 12.25 -9.37
CA VAL A 24 -0.33 10.92 -9.44
C VAL A 24 -1.16 9.90 -8.70
N ASP A 25 -1.56 8.84 -9.39
CA ASP A 25 -2.21 7.66 -8.81
C ASP A 25 -1.12 6.63 -8.49
N PHE A 26 -0.79 6.50 -7.20
CA PHE A 26 0.08 5.44 -6.71
C PHE A 26 -0.79 4.23 -6.41
N PHE A 27 -0.59 3.16 -7.16
CA PHE A 27 -1.47 2.00 -7.12
C PHE A 27 -0.64 0.71 -7.05
N ALA A 28 -1.32 -0.42 -6.82
CA ALA A 28 -0.69 -1.71 -6.87
C ALA A 28 -1.57 -2.65 -7.67
N THR A 29 -0.98 -3.68 -8.24
CA THR A 29 -1.74 -4.64 -9.05
C THR A 29 -2.66 -5.50 -8.19
N TRP A 30 -2.34 -5.64 -6.90
CA TRP A 30 -3.09 -6.49 -5.98
C TRP A 30 -4.18 -5.74 -5.23
N CYS A 31 -4.35 -4.46 -5.57
N CYS A 31 -4.30 -4.44 -5.51
CA CYS A 31 -5.17 -3.53 -4.82
CA CYS A 31 -5.22 -3.58 -4.80
C CYS A 31 -6.59 -3.38 -5.41
C CYS A 31 -6.60 -3.54 -5.47
N GLY A 32 -7.59 -3.90 -4.70
CA GLY A 32 -8.97 -3.93 -5.19
C GLY A 32 -9.54 -2.53 -5.47
N PRO A 33 -9.47 -1.60 -4.51
CA PRO A 33 -9.97 -0.25 -4.80
C PRO A 33 -9.25 0.44 -5.94
N CYS A 34 -7.98 0.11 -6.17
CA CYS A 34 -7.26 0.68 -7.30
CA CYS A 34 -7.26 0.68 -7.30
C CYS A 34 -7.99 0.33 -8.59
N LYS A 35 -8.47 -0.89 -8.71
CA LYS A 35 -9.15 -1.31 -9.94
C LYS A 35 -10.50 -0.62 -10.09
N MET A 36 -11.15 -0.32 -8.99
CA MET A 36 -12.42 0.36 -9.02
CA MET A 36 -12.42 0.38 -9.03
C MET A 36 -12.26 1.79 -9.53
N ILE A 37 -11.22 2.48 -9.09
CA ILE A 37 -11.10 3.86 -9.44
C ILE A 37 -10.33 4.11 -10.75
N ALA A 38 -9.61 3.12 -11.24
CA ALA A 38 -8.83 3.30 -12.46
C ALA A 38 -9.68 3.87 -13.60
N PRO A 39 -10.88 3.33 -13.90
CA PRO A 39 -11.59 3.89 -15.06
C PRO A 39 -12.08 5.30 -14.81
N PHE A 40 -12.29 5.67 -13.55
CA PHE A 40 -12.71 7.01 -13.21
C PHE A 40 -11.56 7.97 -13.41
N PHE A 41 -10.35 7.57 -13.00
CA PHE A 41 -9.15 8.37 -13.23
C PHE A 41 -8.94 8.57 -14.72
N GLU A 42 -9.17 7.55 -15.54
CA GLU A 42 -9.09 7.71 -16.99
C GLU A 42 -10.11 8.73 -17.49
N GLU A 43 -11.36 8.68 -17.02
CA GLU A 43 -12.36 9.66 -17.44
CA GLU A 43 -12.37 9.65 -17.44
C GLU A 43 -11.95 11.07 -17.08
N LEU A 44 -11.48 11.26 -15.87
CA LEU A 44 -11.03 12.57 -15.46
C LEU A 44 -9.93 13.07 -16.38
N SER A 45 -9.03 12.19 -16.77
CA SER A 45 -7.91 12.59 -17.59
C SER A 45 -8.38 13.08 -18.95
N GLU A 46 -9.52 12.57 -19.42
CA GLU A 46 -10.04 13.02 -20.71
CA GLU A 46 -10.05 13.02 -20.70
C GLU A 46 -10.83 14.31 -20.57
N GLU A 47 -11.39 14.56 -19.39
CA GLU A 47 -12.19 15.76 -19.17
CA GLU A 47 -12.19 15.76 -19.17
C GLU A 47 -11.34 17.00 -18.84
N TYR A 48 -10.19 16.81 -18.22
CA TYR A 48 -9.39 17.96 -17.72
C TYR A 48 -7.95 18.07 -18.22
N PRO A 49 -7.69 17.74 -19.49
CA PRO A 49 -6.30 17.72 -19.95
C PRO A 49 -5.60 19.07 -20.08
N ASP A 50 -6.40 20.11 -20.30
N ASP A 50 -6.37 20.13 -20.28
CA ASP A 50 -5.87 21.45 -20.52
CA ASP A 50 -5.75 21.41 -20.55
C ASP A 50 -5.16 22.02 -19.29
C ASP A 50 -5.42 22.19 -19.28
N LYS A 51 -5.55 21.54 -18.12
CA LYS A 51 -5.06 22.12 -16.88
CA LYS A 51 -5.07 22.13 -16.88
C LYS A 51 -4.38 21.12 -15.97
N VAL A 52 -4.40 19.83 -16.35
CA VAL A 52 -3.92 18.79 -15.45
C VAL A 52 -3.21 17.66 -16.20
N VAL A 53 -2.10 17.22 -15.65
CA VAL A 53 -1.37 16.06 -16.13
C VAL A 53 -1.65 14.91 -15.17
N PHE A 54 -2.02 13.78 -15.72
CA PHE A 54 -2.44 12.59 -14.98
C PHE A 54 -1.42 11.50 -15.17
N ILE A 55 -0.89 10.99 -14.05
CA ILE A 55 0.16 10.00 -14.03
C ILE A 55 -0.25 8.83 -13.17
N LYS A 56 0.22 7.62 -13.49
CA LYS A 56 0.05 6.47 -12.58
C LYS A 56 1.39 5.79 -12.41
N VAL A 57 1.61 5.34 -11.17
CA VAL A 57 2.86 4.69 -10.78
C VAL A 57 2.48 3.44 -9.99
N ASP A 58 2.94 2.28 -10.45
CA ASP A 58 2.80 1.04 -9.74
C ASP A 58 3.88 1.00 -8.67
N VAL A 59 3.48 1.03 -7.40
CA VAL A 59 4.39 1.16 -6.29
C VAL A 59 5.40 0.01 -6.26
N ASP A 60 5.02 -1.21 -6.68
CA ASP A 60 5.96 -2.33 -6.67
C ASP A 60 6.92 -2.30 -7.86
N GLU A 61 6.53 -1.64 -8.94
CA GLU A 61 7.39 -1.47 -10.11
CA GLU A 61 7.44 -1.51 -10.08
C GLU A 61 8.36 -0.29 -9.94
N VAL A 62 7.97 0.71 -9.17
CA VAL A 62 8.78 1.91 -8.97
C VAL A 62 8.92 2.16 -7.46
N PRO A 63 9.50 1.19 -6.75
CA PRO A 63 9.49 1.27 -5.29
C PRO A 63 10.27 2.44 -4.73
N ASP A 64 11.25 2.94 -5.44
CA ASP A 64 12.05 4.07 -4.94
CA ASP A 64 12.02 4.06 -4.90
C ASP A 64 11.16 5.32 -4.84
N VAL A 65 10.26 5.47 -5.80
CA VAL A 65 9.31 6.57 -5.77
C VAL A 65 8.26 6.37 -4.66
N ALA A 66 7.73 5.16 -4.51
CA ALA A 66 6.78 4.90 -3.45
C ALA A 66 7.39 5.22 -2.09
N ALA A 67 8.64 4.80 -1.90
CA ALA A 67 9.30 5.07 -0.62
C ALA A 67 9.55 6.55 -0.40
N LYS A 68 10.03 7.24 -1.43
CA LYS A 68 10.39 8.65 -1.28
CA LYS A 68 10.38 8.65 -1.29
C LYS A 68 9.16 9.49 -0.92
N TYR A 69 8.02 9.17 -1.52
CA TYR A 69 6.82 9.94 -1.25
C TYR A 69 5.94 9.37 -0.12
N GLY A 70 6.48 8.42 0.64
CA GLY A 70 5.86 8.03 1.89
C GLY A 70 4.52 7.34 1.74
N ILE A 71 4.36 6.58 0.68
CA ILE A 71 3.11 5.87 0.43
C ILE A 71 2.89 4.79 1.49
N THR A 72 1.70 4.72 2.04
CA THR A 72 1.39 3.67 3.00
C THR A 72 0.07 2.95 2.76
N SER A 73 -0.75 3.40 1.82
CA SER A 73 -1.86 2.58 1.37
C SER A 73 -2.24 2.94 -0.04
N MET A 74 -2.94 2.03 -0.70
CA MET A 74 -3.24 2.24 -2.11
CA MET A 74 -3.28 2.27 -2.08
C MET A 74 -4.77 2.16 -2.31
N PRO A 75 -5.26 2.93 -3.25
CA PRO A 75 -4.49 3.93 -3.98
C PRO A 75 -4.27 5.16 -3.14
N THR A 76 -3.20 5.91 -3.42
CA THR A 76 -3.01 7.25 -2.88
C THR A 76 -2.81 8.17 -4.07
N PHE A 77 -3.50 9.29 -4.07
CA PHE A 77 -3.36 10.34 -5.08
C PHE A 77 -2.60 11.51 -4.52
N LYS A 78 -1.48 11.86 -5.14
CA LYS A 78 -0.74 13.01 -4.70
C LYS A 78 -0.83 14.09 -5.78
N PHE A 79 -0.90 15.34 -5.32
CA PHE A 79 -1.13 16.49 -6.17
C PHE A 79 0.08 17.42 -6.10
N PHE A 80 0.65 17.77 -7.23
CA PHE A 80 1.85 18.59 -7.26
C PHE A 80 1.67 19.82 -8.14
N LYS A 81 2.17 20.96 -7.67
N LYS A 81 2.18 20.96 -7.68
CA LYS A 81 2.20 22.17 -8.44
CA LYS A 81 2.17 22.19 -8.46
C LYS A 81 3.57 22.78 -8.30
C LYS A 81 3.54 22.84 -8.30
N ASN A 82 4.20 23.13 -9.42
CA ASN A 82 5.49 23.80 -9.39
CA ASN A 82 5.50 23.79 -9.39
C ASN A 82 6.53 22.96 -8.65
N GLY A 83 6.37 21.63 -8.68
CA GLY A 83 7.33 20.72 -8.09
C GLY A 83 7.05 20.39 -6.62
N LYS A 84 6.05 21.04 -6.05
N LYS A 84 6.06 21.07 -6.04
CA LYS A 84 5.73 20.86 -4.64
CA LYS A 84 5.73 20.86 -4.63
C LYS A 84 4.38 20.19 -4.42
C LYS A 84 4.39 20.17 -4.43
N LYS A 85 4.30 19.35 -3.40
CA LYS A 85 3.05 18.69 -3.07
C LYS A 85 2.06 19.71 -2.51
N VAL A 86 0.87 19.76 -3.08
CA VAL A 86 -0.16 20.68 -2.63
C VAL A 86 -1.35 19.98 -2.00
N ASP A 87 -1.49 18.66 -2.19
CA ASP A 87 -2.58 17.93 -1.56
C ASP A 87 -2.37 16.43 -1.74
N GLU A 88 -3.21 15.65 -1.09
CA GLU A 88 -3.19 14.21 -1.26
CA GLU A 88 -3.18 14.21 -1.22
C GLU A 88 -4.54 13.65 -0.83
N LEU A 89 -4.91 12.54 -1.44
CA LEU A 89 -6.10 11.79 -1.05
C LEU A 89 -5.67 10.35 -0.86
N VAL A 90 -5.91 9.81 0.31
CA VAL A 90 -5.67 8.40 0.56
C VAL A 90 -6.96 7.63 0.31
N GLY A 91 -6.91 6.58 -0.51
CA GLY A 91 -8.07 5.78 -0.80
C GLY A 91 -8.73 6.18 -2.10
N ALA A 92 -9.81 5.49 -2.43
CA ALA A 92 -10.43 5.53 -3.74
C ALA A 92 -11.80 6.22 -3.72
N ASN A 93 -11.99 7.23 -2.88
CA ASN A 93 -13.24 7.96 -2.90
C ASN A 93 -13.32 8.87 -4.13
N GLN A 94 -14.21 8.52 -5.05
CA GLN A 94 -14.32 9.22 -6.32
C GLN A 94 -14.75 10.66 -6.16
N GLU A 95 -15.69 10.91 -5.25
CA GLU A 95 -16.15 12.27 -5.08
C GLU A 95 -15.02 13.15 -4.61
N LYS A 96 -14.29 12.72 -3.62
CA LYS A 96 -13.20 13.53 -3.09
CA LYS A 96 -13.20 13.53 -3.09
C LYS A 96 -12.08 13.71 -4.11
N LEU A 97 -11.82 12.71 -4.94
CA LEU A 97 -10.77 12.86 -5.95
C LEU A 97 -11.13 13.95 -6.93
N LYS A 98 -12.33 13.89 -7.48
CA LYS A 98 -12.74 14.91 -8.44
C LYS A 98 -12.72 16.28 -7.79
N GLN A 99 -13.24 16.40 -6.57
CA GLN A 99 -13.26 17.69 -5.95
C GLN A 99 -11.85 18.25 -5.75
N MET A 100 -10.89 17.38 -5.43
CA MET A 100 -9.54 17.83 -5.15
C MET A 100 -8.87 18.33 -6.45
N ILE A 101 -9.18 17.68 -7.56
CA ILE A 101 -8.75 18.20 -8.85
C ILE A 101 -9.39 19.56 -9.13
N LEU A 102 -10.69 19.70 -8.93
CA LEU A 102 -11.35 20.98 -9.22
C LEU A 102 -10.76 22.09 -8.35
N LYS A 103 -10.43 21.77 -7.11
CA LYS A 103 -9.88 22.73 -6.19
C LYS A 103 -8.55 23.29 -6.69
N HIS A 104 -7.67 22.41 -7.15
CA HIS A 104 -6.31 22.81 -7.48
C HIS A 104 -6.09 23.14 -8.94
N ALA A 105 -7.08 22.87 -9.78
CA ALA A 105 -7.03 23.29 -11.17
C ALA A 105 -8.34 23.97 -11.55
N PRO A 106 -8.61 25.12 -10.93
CA PRO A 106 -9.84 25.89 -11.18
C PRO A 106 -10.06 26.15 -12.67
N MET B 1 10.84 -16.50 16.05
CA MET B 1 11.15 -16.40 14.60
C MET B 1 9.91 -16.14 13.77
N VAL B 2 10.08 -15.31 12.76
CA VAL B 2 9.03 -14.98 11.82
C VAL B 2 9.28 -15.77 10.55
N ILE B 3 8.26 -16.45 10.07
CA ILE B 3 8.40 -17.29 8.88
C ILE B 3 7.97 -16.48 7.64
N GLN B 4 8.90 -16.20 6.74
CA GLN B 4 8.54 -15.57 5.48
C GLN B 4 8.03 -16.63 4.48
N VAL B 5 6.82 -16.43 3.98
CA VAL B 5 6.28 -17.34 2.97
C VAL B 5 6.44 -16.71 1.60
N THR B 6 6.70 -17.56 0.63
CA THR B 6 7.16 -17.07 -0.66
C THR B 6 6.21 -17.42 -1.82
N ASN B 7 5.14 -18.16 -1.53
CA ASN B 7 4.13 -18.47 -2.55
C ASN B 7 2.80 -18.79 -1.86
N LYS B 8 1.72 -18.81 -2.64
CA LYS B 8 0.38 -18.91 -2.06
C LYS B 8 0.12 -20.29 -1.49
N GLU B 9 0.78 -21.30 -2.03
CA GLU B 9 0.65 -22.64 -1.52
C GLU B 9 1.25 -22.77 -0.12
N GLU B 10 2.45 -22.22 0.10
CA GLU B 10 3.04 -22.20 1.44
C GLU B 10 2.14 -21.46 2.42
N PHE B 11 1.57 -20.36 1.96
CA PHE B 11 0.68 -19.56 2.78
C PHE B 11 -0.53 -20.36 3.22
N GLU B 12 -1.24 -20.96 2.27
CA GLU B 12 -2.47 -21.68 2.61
C GLU B 12 -2.13 -22.92 3.47
N ALA B 13 -0.95 -23.52 3.28
CA ALA B 13 -0.56 -24.68 4.08
C ALA B 13 -0.36 -24.29 5.55
N ILE B 14 0.23 -23.15 5.81
CA ILE B 14 0.38 -22.69 7.19
C ILE B 14 -0.98 -22.42 7.81
N LEU B 15 -1.84 -21.71 7.08
CA LEU B 15 -3.16 -21.41 7.62
C LEU B 15 -3.98 -22.65 7.94
N SER B 16 -3.95 -23.62 7.05
CA SER B 16 -4.78 -24.80 7.24
C SER B 16 -4.21 -25.81 8.25
N GLU B 17 -2.91 -25.77 8.48
CA GLU B 17 -2.26 -26.74 9.34
CA GLU B 17 -2.25 -26.73 9.35
C GLU B 17 -2.03 -26.22 10.75
N ALA B 18 -2.04 -24.90 10.96
CA ALA B 18 -1.70 -24.37 12.28
C ALA B 18 -2.75 -24.63 13.33
N ASP B 19 -2.29 -24.98 14.53
CA ASP B 19 -3.19 -25.02 15.67
C ASP B 19 -3.13 -23.75 16.50
N LYS B 20 -2.00 -23.07 16.42
CA LYS B 20 -1.80 -21.82 17.12
CA LYS B 20 -1.81 -21.83 17.13
C LYS B 20 -2.45 -20.70 16.34
N LEU B 21 -2.69 -19.57 17.00
CA LEU B 21 -3.08 -18.35 16.31
C LEU B 21 -2.03 -18.07 15.26
N VAL B 22 -2.45 -17.65 14.06
CA VAL B 22 -1.51 -17.22 13.02
C VAL B 22 -1.66 -15.72 12.82
N VAL B 23 -0.55 -14.98 12.89
CA VAL B 23 -0.54 -13.55 12.62
C VAL B 23 0.33 -13.32 11.42
N VAL B 24 -0.24 -12.70 10.40
CA VAL B 24 0.44 -12.46 9.13
C VAL B 24 0.73 -10.97 8.93
N ASP B 25 1.99 -10.64 8.72
CA ASP B 25 2.38 -9.27 8.35
C ASP B 25 2.47 -9.18 6.85
N PHE B 26 1.53 -8.51 6.20
CA PHE B 26 1.61 -8.18 4.79
C PHE B 26 2.39 -6.87 4.66
N PHE B 27 3.51 -6.91 3.95
CA PHE B 27 4.44 -5.79 3.91
C PHE B 27 5.02 -5.58 2.53
N ALA B 28 5.70 -4.45 2.36
CA ALA B 28 6.45 -4.16 1.16
C ALA B 28 7.80 -3.57 1.54
N THR B 29 8.78 -3.82 0.70
CA THR B 29 10.15 -3.36 0.91
CA THR B 29 10.15 -3.36 0.91
C THR B 29 10.25 -1.83 0.84
N TRP B 30 9.31 -1.20 0.14
CA TRP B 30 9.30 0.26 0.01
C TRP B 30 8.51 0.96 1.11
N CYS B 31 8.05 0.18 2.09
N CYS B 31 7.92 0.18 2.02
CA CYS B 31 7.10 0.68 3.08
CA CYS B 31 7.10 0.78 3.06
C CYS B 31 7.84 1.11 4.38
C CYS B 31 7.94 1.16 4.28
N GLY B 32 7.76 2.40 4.69
CA GLY B 32 8.46 2.95 5.84
C GLY B 32 8.04 2.34 7.19
N PRO B 33 6.74 2.39 7.50
CA PRO B 33 6.25 1.80 8.75
C PRO B 33 6.58 0.31 8.85
N CYS B 34 6.59 -0.38 7.72
CA CYS B 34 6.94 -1.80 7.68
CA CYS B 34 6.94 -1.79 7.68
C CYS B 34 8.33 -2.02 8.24
N LYS B 35 9.29 -1.21 7.84
CA LYS B 35 10.65 -1.34 8.33
CA LYS B 35 10.65 -1.35 8.32
C LYS B 35 10.73 -1.05 9.81
N MET B 36 9.91 -0.11 10.27
CA MET B 36 9.90 0.27 11.67
CA MET B 36 9.89 0.28 11.68
C MET B 36 9.40 -0.87 12.55
N ILE B 37 8.38 -1.58 12.10
CA ILE B 37 7.75 -2.59 12.94
CA ILE B 37 7.75 -2.60 12.92
C ILE B 37 8.38 -3.97 12.77
N ALA B 38 9.14 -4.20 11.73
CA ALA B 38 9.74 -5.52 11.49
C ALA B 38 10.52 -6.06 12.70
N PRO B 39 11.39 -5.27 13.36
CA PRO B 39 12.13 -5.85 14.49
C PRO B 39 11.22 -6.12 15.68
N PHE B 40 10.15 -5.36 15.83
CA PHE B 40 9.17 -5.62 16.86
C PHE B 40 8.40 -6.89 16.62
N PHE B 41 8.00 -7.15 15.37
CA PHE B 41 7.34 -8.40 15.03
C PHE B 41 8.25 -9.59 15.33
N GLU B 42 9.54 -9.45 15.07
CA GLU B 42 10.46 -10.52 15.39
CA GLU B 42 10.47 -10.51 15.41
C GLU B 42 10.53 -10.73 16.91
N GLU B 43 10.57 -9.64 17.67
N GLU B 43 10.58 -9.66 17.69
CA GLU B 43 10.56 -9.72 19.13
CA GLU B 43 10.60 -9.80 19.15
C GLU B 43 9.33 -10.47 19.62
C GLU B 43 9.30 -10.46 19.66
N LEU B 44 8.16 -10.06 19.13
CA LEU B 44 6.91 -10.70 19.52
C LEU B 44 6.95 -12.21 19.23
N SER B 45 7.56 -12.59 18.12
CA SER B 45 7.63 -14.00 17.75
C SER B 45 8.44 -14.80 18.75
N GLU B 46 9.40 -14.17 19.42
CA GLU B 46 10.21 -14.83 20.43
C GLU B 46 9.52 -14.80 21.78
N GLU B 47 8.55 -13.92 21.95
CA GLU B 47 7.83 -13.78 23.22
C GLU B 47 6.67 -14.76 23.33
N TYR B 48 6.04 -15.10 22.21
CA TYR B 48 4.82 -15.89 22.25
C TYR B 48 4.86 -17.18 21.42
N PRO B 49 5.99 -17.89 21.42
CA PRO B 49 6.01 -19.11 20.60
C PRO B 49 5.04 -20.24 21.02
N ASP B 50 4.60 -20.29 22.27
CA ASP B 50 3.68 -21.35 22.68
C ASP B 50 2.34 -21.22 21.98
N LYS B 51 1.93 -19.99 21.66
CA LYS B 51 0.53 -19.72 21.34
C LYS B 51 0.33 -19.11 19.95
N VAL B 52 1.41 -18.67 19.32
CA VAL B 52 1.27 -17.87 18.09
C VAL B 52 2.33 -18.27 17.07
N VAL B 53 1.94 -18.34 15.82
CA VAL B 53 2.85 -18.48 14.66
C VAL B 53 2.87 -17.16 13.91
N PHE B 54 4.04 -16.59 13.69
CA PHE B 54 4.21 -15.31 13.03
C PHE B 54 4.74 -15.52 11.63
N ILE B 55 4.03 -14.98 10.65
CA ILE B 55 4.30 -15.12 9.21
CA ILE B 55 4.50 -15.10 9.29
C ILE B 55 4.48 -13.73 8.61
N LYS B 56 5.32 -13.60 7.59
CA LYS B 56 5.31 -12.38 6.80
C LYS B 56 5.20 -12.71 5.32
N VAL B 57 4.53 -11.82 4.60
CA VAL B 57 4.27 -11.96 3.17
C VAL B 57 4.64 -10.64 2.49
N ASP B 58 5.66 -10.67 1.64
CA ASP B 58 6.03 -9.53 0.83
C ASP B 58 5.08 -9.46 -0.36
N VAL B 59 4.34 -8.37 -0.48
CA VAL B 59 3.31 -8.24 -1.54
C VAL B 59 3.83 -8.32 -2.97
N ASP B 60 5.09 -8.01 -3.15
N ASP B 60 5.12 -8.01 -3.15
CA ASP B 60 5.66 -8.16 -4.49
CA ASP B 60 5.73 -8.10 -4.47
C ASP B 60 5.96 -9.62 -4.84
C ASP B 60 6.31 -9.48 -4.76
N GLU B 61 6.25 -10.42 -3.83
N GLU B 61 6.17 -10.40 -3.81
CA GLU B 61 6.54 -11.84 -4.01
CA GLU B 61 6.48 -11.79 -4.07
C GLU B 61 5.27 -12.69 -4.08
C GLU B 61 5.17 -12.57 -4.21
N VAL B 62 4.23 -12.31 -3.32
CA VAL B 62 2.98 -13.09 -3.29
C VAL B 62 1.76 -12.19 -3.47
N PRO B 63 1.70 -11.46 -4.58
CA PRO B 63 0.61 -10.49 -4.74
C PRO B 63 -0.76 -11.14 -4.72
N ASP B 64 -0.88 -12.37 -5.20
CA ASP B 64 -2.16 -13.04 -5.26
C ASP B 64 -2.78 -13.24 -3.89
N VAL B 65 -1.95 -13.44 -2.86
CA VAL B 65 -2.47 -13.56 -1.50
C VAL B 65 -2.93 -12.19 -0.99
N ALA B 66 -2.17 -11.13 -1.25
CA ALA B 66 -2.60 -9.79 -0.88
C ALA B 66 -3.92 -9.47 -1.57
N ALA B 67 -4.06 -9.82 -2.85
CA ALA B 67 -5.32 -9.57 -3.56
C ALA B 67 -6.49 -10.36 -2.97
N LYS B 68 -6.26 -11.63 -2.68
CA LYS B 68 -7.32 -12.50 -2.17
C LYS B 68 -7.89 -11.96 -0.87
N TYR B 69 -7.02 -11.45 -0.02
CA TYR B 69 -7.47 -10.94 1.28
C TYR B 69 -7.81 -9.46 1.28
N GLY B 70 -7.74 -8.81 0.13
CA GLY B 70 -8.22 -7.44 0.00
C GLY B 70 -7.34 -6.42 0.69
N ILE B 71 -6.04 -6.67 0.75
CA ILE B 71 -5.12 -5.77 1.44
C ILE B 71 -5.01 -4.44 0.68
N THR B 72 -5.02 -3.33 1.42
CA THR B 72 -4.77 -2.00 0.84
C THR B 72 -3.65 -1.22 1.54
N SER B 73 -3.50 -1.41 2.84
CA SER B 73 -2.53 -0.68 3.64
C SER B 73 -1.27 -1.50 3.85
N MET B 74 -0.12 -0.82 3.85
CA MET B 74 1.16 -1.42 4.20
C MET B 74 1.66 -0.81 5.51
N PRO B 75 1.89 -1.62 6.55
CA PRO B 75 1.57 -3.05 6.64
C PRO B 75 0.13 -3.25 7.01
N THR B 76 -0.35 -4.47 6.81
CA THR B 76 -1.61 -4.94 7.39
C THR B 76 -1.32 -6.26 8.10
N PHE B 77 -1.78 -6.41 9.34
CA PHE B 77 -1.68 -7.65 10.08
C PHE B 77 -3.01 -8.36 10.07
N LYS B 78 -3.03 -9.61 9.63
CA LYS B 78 -4.22 -10.43 9.60
C LYS B 78 -4.08 -11.60 10.53
N PHE B 79 -5.15 -11.92 11.25
CA PHE B 79 -5.14 -12.91 12.31
C PHE B 79 -6.05 -14.04 11.92
N PHE B 80 -5.55 -15.26 12.06
CA PHE B 80 -6.30 -16.45 11.69
C PHE B 80 -6.24 -17.49 12.78
N LYS B 81 -7.33 -18.20 13.00
CA LYS B 81 -7.33 -19.31 13.93
C LYS B 81 -8.14 -20.45 13.31
N ASN B 82 -7.52 -21.62 13.18
CA ASN B 82 -8.19 -22.78 12.59
C ASN B 82 -8.66 -22.45 11.18
N GLY B 83 -7.84 -21.70 10.46
CA GLY B 83 -8.05 -21.40 9.05
C GLY B 83 -8.91 -20.19 8.75
N LYS B 84 -9.56 -19.65 9.79
CA LYS B 84 -10.55 -18.60 9.60
CA LYS B 84 -10.56 -18.60 9.59
C LYS B 84 -10.07 -17.27 10.16
N LYS B 85 -10.42 -16.19 9.47
CA LYS B 85 -10.04 -14.85 9.93
C LYS B 85 -10.69 -14.54 11.24
N VAL B 86 -9.91 -14.00 12.15
CA VAL B 86 -10.46 -13.52 13.41
C VAL B 86 -10.20 -12.03 13.68
N ASP B 87 -9.28 -11.40 12.96
CA ASP B 87 -9.09 -9.96 13.16
C ASP B 87 -8.16 -9.38 12.10
N GLU B 88 -8.07 -8.05 12.10
CA GLU B 88 -7.19 -7.29 11.20
C GLU B 88 -6.74 -6.03 11.91
N LEU B 89 -5.48 -5.68 11.73
CA LEU B 89 -4.97 -4.38 12.16
C LEU B 89 -4.25 -3.74 11.02
N VAL B 90 -4.70 -2.57 10.61
CA VAL B 90 -4.05 -1.77 9.59
C VAL B 90 -3.02 -0.89 10.25
N GLY B 91 -1.85 -0.75 9.63
CA GLY B 91 -0.82 0.12 10.15
C GLY B 91 0.15 -0.55 11.08
N ALA B 92 1.04 0.25 11.62
CA ALA B 92 2.20 -0.25 12.33
C ALA B 92 2.21 0.17 13.80
N ASN B 93 1.06 0.31 14.43
CA ASN B 93 1.10 0.64 15.85
C ASN B 93 1.41 -0.61 16.69
N GLN B 94 2.57 -0.56 17.33
CA GLN B 94 3.12 -1.70 18.04
C GLN B 94 2.29 -2.08 19.24
N GLU B 95 1.78 -1.10 19.97
CA GLU B 95 0.98 -1.39 21.15
CA GLU B 95 0.98 -1.38 21.13
C GLU B 95 -0.32 -2.07 20.75
N LYS B 96 -0.96 -1.57 19.70
CA LYS B 96 -2.23 -2.16 19.27
CA LYS B 96 -2.23 -2.16 19.27
C LYS B 96 -2.03 -3.57 18.73
N LEU B 97 -0.89 -3.80 18.06
CA LEU B 97 -0.58 -5.12 17.54
C LEU B 97 -0.41 -6.11 18.71
N LYS B 98 0.33 -5.73 19.74
CA LYS B 98 0.50 -6.61 20.86
C LYS B 98 -0.86 -6.91 21.55
N GLN B 99 -1.69 -5.88 21.72
CA GLN B 99 -2.99 -6.06 22.35
CA GLN B 99 -2.99 -6.06 22.34
C GLN B 99 -3.86 -7.01 21.54
N MET B 100 -3.81 -6.93 20.23
CA MET B 100 -4.63 -7.79 19.40
C MET B 100 -4.15 -9.24 19.51
N ILE B 101 -2.85 -9.46 19.54
CA ILE B 101 -2.32 -10.79 19.73
C ILE B 101 -2.85 -11.36 21.04
N LEU B 102 -2.76 -10.59 22.12
CA LEU B 102 -3.17 -11.10 23.43
C LEU B 102 -4.69 -11.26 23.54
N LYS B 103 -5.46 -10.54 22.73
CA LYS B 103 -6.90 -10.74 22.70
C LYS B 103 -7.24 -12.12 22.15
N HIS B 104 -6.50 -12.58 21.14
CA HIS B 104 -6.83 -13.82 20.45
C HIS B 104 -5.99 -15.00 20.87
N ALA B 105 -4.86 -14.74 21.53
CA ALA B 105 -4.04 -15.77 22.14
C ALA B 105 -3.59 -15.29 23.52
N PRO B 106 -4.53 -15.17 24.47
CA PRO B 106 -4.15 -14.76 25.82
C PRO B 106 -3.22 -15.78 26.46
#